data_4HO7
#
_entry.id   4HO7
#
_cell.length_a   105.673
_cell.length_b   111.062
_cell.length_c   116.953
_cell.angle_alpha   90.00
_cell.angle_beta   90.00
_cell.angle_gamma   90.00
#
_symmetry.space_group_name_H-M   'I 2 2 2'
#
loop_
_entity.id
_entity.type
_entity.pdbx_description
1 polymer 'HslVU complex proteolytic subunit, putative'
2 non-polymer 'MAGNESIUM ION'
3 water water
#
_entity_poly.entity_id   1
_entity_poly.type   'polypeptide(L)'
_entity_poly.pdbx_seq_one_letter_code
;TTILSVRKGDTVVLLGDRQVTLGERIVAKSSACKLRRINDDVVIGFAGSTADAISLMEKLENKIGEFPNQLTRAAVELAK
EWRTDRALRRLEASLIVCSAEETLEIDGQGNVITPEADGIVAIGSGGTFAKAAARALIDVDGYDAEKIARKAMRIATDID
VFSNEHWDVEVLEHHHHHH
;
_entity_poly.pdbx_strand_id   A,B,C
#
# COMPACT_ATOMS: atom_id res chain seq x y z
N THR A 1 0.77 5.98 9.95
CA THR A 1 0.15 4.71 10.40
C THR A 1 1.22 3.74 10.94
N THR A 2 0.78 2.99 11.94
CA THR A 2 1.58 1.91 12.48
C THR A 2 0.72 0.68 12.72
N ILE A 3 1.00 -0.38 11.95
CA ILE A 3 0.40 -1.64 12.19
C ILE A 3 1.52 -2.60 12.51
N LEU A 4 1.35 -3.33 13.61
CA LEU A 4 2.37 -4.23 14.14
C LEU A 4 1.80 -5.58 14.53
N SER A 5 2.51 -6.64 14.17
CA SER A 5 2.15 -7.98 14.60
C SER A 5 3.34 -8.69 15.20
N VAL A 6 3.10 -9.22 16.39
CA VAL A 6 4.06 -9.99 17.14
C VAL A 6 3.50 -11.35 17.47
N ARG A 7 4.23 -12.39 17.06
CA ARG A 7 3.89 -13.76 17.38
C ARG A 7 4.96 -14.26 18.34
N LYS A 8 4.52 -14.63 19.54
CA LYS A 8 5.39 -15.25 20.50
C LYS A 8 4.61 -16.31 21.27
N GLY A 9 5.16 -17.52 21.25
CA GLY A 9 4.55 -18.64 21.93
C GLY A 9 3.32 -19.05 21.16
N ASP A 10 2.26 -19.35 21.88
CA ASP A 10 1.07 -19.87 21.23
C ASP A 10 0.10 -18.78 20.91
N THR A 11 0.64 -17.55 20.79
CA THR A 11 -0.16 -16.35 20.69
C THR A 11 0.39 -15.40 19.65
N VAL A 12 -0.52 -14.76 18.94
CA VAL A 12 -0.12 -13.70 18.06
C VAL A 12 -1.06 -12.52 18.23
N VAL A 13 -0.49 -11.33 18.17
CA VAL A 13 -1.28 -10.13 18.29
C VAL A 13 -1.09 -9.29 17.07
N LEU A 14 -2.08 -8.43 16.85
CA LEU A 14 -2.01 -7.41 15.81
C LEU A 14 -2.55 -6.10 16.37
N LEU A 15 -1.78 -5.03 16.19
CA LEU A 15 -2.18 -3.71 16.67
C LEU A 15 -2.09 -2.70 15.54
N GLY A 16 -2.98 -1.71 15.59
CA GLY A 16 -2.93 -0.59 14.69
C GLY A 16 -3.35 0.66 15.42
N ASP A 17 -2.74 1.78 15.02
CA ASP A 17 -3.14 3.06 15.57
C ASP A 17 -4.39 3.54 14.85
N ARG A 18 -4.86 4.75 15.18
CA ARG A 18 -6.16 5.15 14.69
C ARG A 18 -6.14 6.51 14.03
N GLN A 19 -4.94 6.98 13.66
CA GLN A 19 -4.80 8.32 13.09
C GLN A 19 -4.93 8.34 11.59
N VAL A 20 -5.75 9.26 11.08
CA VAL A 20 -5.80 9.51 9.67
C VAL A 20 -5.32 10.90 9.45
N THR A 21 -4.37 10.99 8.56
CA THR A 21 -3.71 12.22 8.28
C THR A 21 -3.98 12.69 6.86
N LEU A 22 -4.29 13.97 6.68
CA LEU A 22 -4.42 14.53 5.36
C LEU A 22 -3.26 15.44 4.97
N GLY A 23 -2.84 15.31 3.72
CA GLY A 23 -1.84 16.16 3.15
C GLY A 23 -0.53 16.06 3.88
N GLU A 24 -0.30 14.93 4.54
CA GLU A 24 0.85 14.73 5.39
C GLU A 24 1.04 15.86 6.39
N ARG A 25 -0.03 16.47 6.83
CA ARG A 25 0.08 17.76 7.49
C ARG A 25 -0.85 17.79 8.72
N ILE A 26 -2.10 17.35 8.53
CA ILE A 26 -3.10 17.47 9.56
C ILE A 26 -3.86 16.17 9.84
N VAL A 27 -4.20 15.99 11.11
CA VAL A 27 -4.99 14.86 11.56
C VAL A 27 -6.44 15.14 11.25
N ALA A 28 -7.08 14.29 10.46
CA ALA A 28 -8.51 14.45 10.16
C ALA A 28 -9.39 13.53 10.99
N LYS A 29 -8.84 12.43 11.52
CA LYS A 29 -9.57 11.58 12.44
C LYS A 29 -8.57 10.89 13.32
N SER A 30 -8.87 10.84 14.62
CA SER A 30 -7.96 10.18 15.56
C SER A 30 -8.51 8.86 16.13
N SER A 31 -9.61 8.39 15.54
CA SER A 31 -10.36 7.27 16.06
C SER A 31 -10.79 6.29 14.93
N ALA A 32 -9.98 6.18 13.89
CA ALA A 32 -10.26 5.28 12.77
C ALA A 32 -9.63 3.91 13.02
N CYS A 33 -10.43 2.86 12.89
CA CYS A 33 -9.97 1.51 13.10
C CYS A 33 -9.28 1.02 11.84
N LYS A 34 -8.10 0.46 11.97
CA LYS A 34 -7.41 0.02 10.79
C LYS A 34 -7.28 -1.49 10.74
N LEU A 35 -8.06 -2.20 11.57
CA LEU A 35 -8.01 -3.66 11.58
C LEU A 35 -9.35 -4.18 11.18
N ARG A 36 -9.39 -5.29 10.43
CA ARG A 36 -10.69 -5.95 10.08
C ARG A 36 -10.52 -7.43 10.29
N ARG A 37 -11.46 -8.05 10.98
CA ARG A 37 -11.64 -9.50 10.95
C ARG A 37 -12.22 -9.88 9.60
N ILE A 38 -11.95 -11.08 9.11
CA ILE A 38 -12.72 -11.56 7.95
C ILE A 38 -13.29 -12.95 8.15
N ASN A 39 -12.89 -13.59 9.24
CA ASN A 39 -13.59 -14.76 9.74
C ASN A 39 -13.08 -14.99 11.15
N ASP A 40 -13.09 -16.23 11.62
CA ASP A 40 -12.65 -16.53 12.97
C ASP A 40 -11.14 -16.67 13.08
N ASP A 41 -10.49 -17.01 11.96
CA ASP A 41 -9.08 -17.39 11.92
C ASP A 41 -8.13 -16.34 11.41
N VAL A 42 -8.69 -15.28 10.79
CA VAL A 42 -7.91 -14.28 10.07
C VAL A 42 -8.33 -12.82 10.31
N VAL A 43 -7.34 -12.03 10.72
CA VAL A 43 -7.49 -10.58 10.80
C VAL A 43 -6.46 -9.88 9.96
N ILE A 44 -6.75 -8.63 9.67
CA ILE A 44 -5.94 -7.94 8.75
C ILE A 44 -5.94 -6.47 9.10
N GLY A 45 -4.76 -5.87 9.00
CA GLY A 45 -4.61 -4.46 9.23
C GLY A 45 -4.05 -3.81 8.00
N PHE A 46 -4.36 -2.53 7.83
CA PHE A 46 -3.98 -1.80 6.66
C PHE A 46 -3.41 -0.41 6.94
N ALA A 47 -2.43 -0.02 6.14
CA ALA A 47 -2.04 1.38 6.01
C ALA A 47 -2.48 1.87 4.63
N GLY A 48 -3.21 2.98 4.61
CA GLY A 48 -3.71 3.53 3.36
C GLY A 48 -5.14 3.98 3.58
N SER A 49 -5.75 4.54 2.54
CA SER A 49 -7.09 5.09 2.64
C SER A 49 -8.15 4.01 2.77
N THR A 50 -9.26 4.36 3.41
CA THR A 50 -10.38 3.45 3.61
C THR A 50 -10.76 2.73 2.35
N ALA A 51 -10.89 3.50 1.28
CA ALA A 51 -11.31 2.94 -0.01
C ALA A 51 -10.27 2.01 -0.65
N ASP A 52 -9.00 2.44 -0.67
CA ASP A 52 -7.94 1.65 -1.28
C ASP A 52 -7.80 0.35 -0.48
N ALA A 53 -7.77 0.46 0.84
CA ALA A 53 -7.49 -0.67 1.70
C ALA A 53 -8.61 -1.68 1.56
N ILE A 54 -9.84 -1.19 1.62
CA ILE A 54 -10.97 -2.07 1.54
C ILE A 54 -11.08 -2.79 0.18
N SER A 55 -10.87 -2.06 -0.90
CA SER A 55 -10.89 -2.68 -2.22
C SER A 55 -9.93 -3.87 -2.23
N LEU A 56 -8.73 -3.67 -1.68
CA LEU A 56 -7.70 -4.69 -1.64
C LEU A 56 -8.06 -5.81 -0.68
N MET A 57 -8.74 -5.48 0.41
CA MET A 57 -9.23 -6.52 1.30
C MET A 57 -10.20 -7.46 0.62
N GLU A 58 -11.10 -6.90 -0.16
CA GLU A 58 -12.11 -7.71 -0.78
C GLU A 58 -11.48 -8.65 -1.77
N LYS A 59 -10.51 -8.17 -2.54
CA LYS A 59 -9.81 -9.03 -3.50
C LYS A 59 -9.05 -10.11 -2.76
N LEU A 60 -8.58 -9.80 -1.56
CA LEU A 60 -7.93 -10.80 -0.77
C LEU A 60 -8.89 -11.87 -0.25
N GLU A 61 -10.05 -11.47 0.28
CA GLU A 61 -11.10 -12.46 0.62
C GLU A 61 -11.33 -13.46 -0.51
N ASN A 62 -11.47 -12.96 -1.74
CA ASN A 62 -11.60 -13.83 -2.92
C ASN A 62 -10.44 -14.77 -3.10
N LYS A 63 -9.23 -14.31 -2.81
CA LYS A 63 -8.10 -15.19 -2.93
C LYS A 63 -8.10 -16.24 -1.85
N ILE A 64 -8.57 -15.90 -0.65
CA ILE A 64 -8.71 -16.92 0.41
C ILE A 64 -9.82 -17.89 0.07
N GLY A 65 -10.90 -17.39 -0.52
CA GLY A 65 -11.97 -18.25 -0.96
C GLY A 65 -11.50 -19.33 -1.92
N GLU A 66 -10.52 -18.98 -2.74
CA GLU A 66 -10.06 -19.86 -3.80
C GLU A 66 -8.96 -20.78 -3.29
N PHE A 67 -8.17 -20.33 -2.32
CA PHE A 67 -7.07 -21.11 -1.76
C PHE A 67 -7.25 -21.15 -0.24
N PRO A 68 -8.19 -21.99 0.25
CA PRO A 68 -8.76 -21.83 1.61
C PRO A 68 -7.84 -21.98 2.81
N ASN A 69 -6.79 -22.79 2.72
CA ASN A 69 -5.89 -22.91 3.87
C ASN A 69 -4.45 -22.82 3.48
N GLN A 70 -4.21 -22.01 2.46
CA GLN A 70 -2.87 -21.58 2.07
C GLN A 70 -2.96 -20.08 2.13
N LEU A 71 -2.80 -19.56 3.31
CA LEU A 71 -2.84 -18.16 3.40
C LEU A 71 -1.74 -17.51 2.55
N THR A 72 -0.55 -18.07 2.58
CA THR A 72 0.57 -17.51 1.83
C THR A 72 0.32 -17.48 0.34
N ARG A 73 -0.44 -18.44 -0.17
CA ARG A 73 -0.62 -18.52 -1.58
C ARG A 73 -1.58 -17.43 -2.00
N ALA A 74 -2.66 -17.32 -1.24
CA ALA A 74 -3.67 -16.27 -1.45
C ALA A 74 -3.03 -14.87 -1.50
N ALA A 75 -2.13 -14.66 -0.56
CA ALA A 75 -1.41 -13.42 -0.48
C ALA A 75 -0.61 -13.16 -1.75
N VAL A 76 0.06 -14.20 -2.22
CA VAL A 76 0.89 -14.09 -3.38
C VAL A 76 0.06 -13.86 -4.62
N GLU A 77 -1.11 -14.50 -4.69
CA GLU A 77 -2.03 -14.34 -5.83
C GLU A 77 -2.63 -12.95 -5.87
N LEU A 78 -2.86 -12.42 -4.66
CA LEU A 78 -3.36 -11.09 -4.54
C LEU A 78 -2.32 -10.15 -5.07
N ALA A 79 -1.11 -10.30 -4.57
CA ALA A 79 -0.01 -9.42 -4.99
C ALA A 79 0.13 -9.48 -6.50
N LYS A 80 0.10 -10.69 -7.06
CA LYS A 80 0.16 -10.84 -8.51
C LYS A 80 -0.90 -10.05 -9.23
N GLU A 81 -2.16 -10.18 -8.77
CA GLU A 81 -3.24 -9.44 -9.39
C GLU A 81 -3.06 -7.94 -9.24
N TRP A 82 -2.72 -7.53 -8.03
CA TRP A 82 -2.56 -6.13 -7.69
C TRP A 82 -1.53 -5.43 -8.60
N ARG A 83 -0.39 -6.10 -8.81
CA ARG A 83 0.65 -5.57 -9.68
C ARG A 83 0.32 -5.56 -11.17
N THR A 84 -0.62 -6.37 -11.60
CA THR A 84 -0.94 -6.44 -13.04
C THR A 84 -2.24 -5.76 -13.39
N ASP A 85 -3.08 -5.49 -12.39
CA ASP A 85 -4.33 -4.83 -12.68
C ASP A 85 -4.07 -3.32 -12.70
N ARG A 86 -4.55 -2.68 -13.78
CA ARG A 86 -4.29 -1.26 -14.03
C ARG A 86 -4.91 -0.43 -12.91
N ALA A 87 -6.13 -0.83 -12.55
CA ALA A 87 -6.93 -0.15 -11.56
C ALA A 87 -6.32 -0.24 -10.16
N LEU A 88 -6.01 -1.47 -9.77
CA LEU A 88 -5.42 -1.72 -8.47
C LEU A 88 -4.11 -1.01 -8.33
N ARG A 89 -3.40 -0.87 -9.44
CA ARG A 89 -2.11 -0.27 -9.35
C ARG A 89 -2.17 1.19 -9.04
N ARG A 90 -3.31 1.81 -9.29
CA ARG A 90 -3.47 3.21 -8.94
C ARG A 90 -3.68 3.41 -7.43
N LEU A 91 -3.89 2.33 -6.68
CA LEU A 91 -4.04 2.40 -5.22
C LEU A 91 -2.72 2.33 -4.43
N GLU A 92 -2.62 3.14 -3.37
CA GLU A 92 -1.57 3.01 -2.38
C GLU A 92 -2.14 2.38 -1.12
N ALA A 93 -1.55 1.24 -0.72
CA ALA A 93 -1.82 0.63 0.57
C ALA A 93 -0.77 -0.40 0.92
N SER A 94 -0.74 -0.81 2.18
CA SER A 94 0.01 -1.95 2.60
C SER A 94 -0.91 -2.69 3.53
N LEU A 95 -0.76 -4.01 3.58
CA LEU A 95 -1.55 -4.87 4.43
C LEU A 95 -0.67 -5.79 5.24
N ILE A 96 -1.14 -6.14 6.42
CA ILE A 96 -0.64 -7.29 7.16
C ILE A 96 -1.84 -8.23 7.40
N VAL A 97 -1.59 -9.51 7.14
CA VAL A 97 -2.57 -10.53 7.22
C VAL A 97 -2.06 -11.52 8.24
N CYS A 98 -2.92 -11.87 9.19
CA CYS A 98 -2.56 -12.68 10.34
C CYS A 98 -3.48 -13.83 10.54
N SER A 99 -2.95 -15.03 10.74
CA SER A 99 -3.73 -16.18 11.19
C SER A 99 -3.07 -16.75 12.41
N ALA A 100 -3.66 -17.76 13.03
CA ALA A 100 -2.98 -18.44 14.13
C ALA A 100 -1.58 -18.85 13.66
N GLU A 101 -1.50 -19.45 12.48
CA GLU A 101 -0.25 -20.03 11.98
C GLU A 101 0.71 -19.04 11.29
N GLU A 102 0.23 -18.28 10.30
CA GLU A 102 1.12 -17.46 9.44
C GLU A 102 0.91 -15.95 9.63
N THR A 103 1.89 -15.14 9.26
CA THR A 103 1.69 -13.68 9.14
C THR A 103 2.36 -13.17 7.89
N LEU A 104 1.65 -12.39 7.08
CA LEU A 104 2.26 -11.80 5.87
C LEU A 104 2.06 -10.33 5.75
N GLU A 105 3.06 -9.68 5.18
CA GLU A 105 3.03 -8.25 4.84
C GLU A 105 2.95 -8.19 3.31
N ILE A 106 2.00 -7.43 2.78
CA ILE A 106 1.92 -7.19 1.34
C ILE A 106 1.85 -5.70 1.04
N ASP A 107 2.67 -5.24 0.09
CA ASP A 107 2.68 -3.85 -0.33
C ASP A 107 2.41 -3.70 -1.82
N GLY A 108 2.42 -2.45 -2.25
CA GLY A 108 2.07 -2.09 -3.62
C GLY A 108 3.26 -2.16 -4.52
N GLN A 109 4.43 -2.45 -3.98
CA GLN A 109 5.58 -2.77 -4.80
C GLN A 109 5.55 -4.25 -5.18
N GLY A 110 4.66 -5.01 -4.59
CA GLY A 110 4.51 -6.41 -4.88
C GLY A 110 5.37 -7.28 -4.03
N ASN A 111 5.84 -6.75 -2.92
CA ASN A 111 6.59 -7.59 -2.00
C ASN A 111 5.61 -8.40 -1.17
N VAL A 112 5.98 -9.63 -0.86
CA VAL A 112 5.22 -10.46 0.06
C VAL A 112 6.23 -10.96 1.06
N ILE A 113 6.09 -10.51 2.29
CA ILE A 113 7.09 -10.64 3.27
C ILE A 113 6.53 -11.38 4.46
N THR A 114 7.25 -12.41 4.86
CA THR A 114 6.95 -13.11 6.08
C THR A 114 8.00 -12.74 7.09
N PRO A 115 7.64 -12.85 8.40
CA PRO A 115 8.61 -12.57 9.47
C PRO A 115 9.86 -13.40 9.38
N GLU A 116 10.92 -12.90 9.98
CA GLU A 116 12.06 -13.74 10.31
C GLU A 116 11.61 -14.66 11.47
N ALA A 117 12.51 -15.42 12.06
CA ALA A 117 12.17 -16.29 13.13
C ALA A 117 11.51 -15.55 14.27
N ASP A 118 11.77 -14.26 14.46
CA ASP A 118 11.25 -13.53 15.63
C ASP A 118 9.74 -13.24 15.60
N GLY A 119 9.09 -13.53 14.49
CA GLY A 119 7.63 -13.47 14.42
C GLY A 119 7.07 -12.09 14.30
N ILE A 120 7.91 -11.15 13.90
CA ILE A 120 7.55 -9.74 13.83
C ILE A 120 7.42 -9.19 12.42
N VAL A 121 6.30 -8.48 12.22
CA VAL A 121 5.95 -7.86 10.95
C VAL A 121 5.31 -6.49 11.26
N ALA A 122 5.67 -5.47 10.48
CA ALA A 122 5.05 -4.17 10.61
C ALA A 122 5.12 -3.27 9.37
N ILE A 123 4.08 -2.44 9.22
CA ILE A 123 3.92 -1.55 8.08
C ILE A 123 3.48 -0.18 8.57
N GLY A 124 3.55 0.75 7.65
CA GLY A 124 3.22 2.09 7.93
C GLY A 124 4.44 2.96 8.17
N SER A 125 4.21 4.25 8.17
CA SER A 125 5.24 5.19 8.49
C SER A 125 5.90 4.89 9.81
N GLY A 126 5.16 4.31 10.74
CA GLY A 126 5.75 3.95 12.05
C GLY A 126 6.23 2.52 12.18
N GLY A 127 5.94 1.73 11.15
CA GLY A 127 6.17 0.30 11.25
C GLY A 127 7.59 -0.13 11.59
N THR A 128 8.58 0.46 10.96
CA THR A 128 9.95 0.01 11.18
C THR A 128 10.41 0.34 12.60
N PHE A 129 9.95 1.48 13.13
CA PHE A 129 10.26 1.79 14.53
C PHE A 129 9.65 0.74 15.42
N ALA A 130 8.44 0.33 15.13
CA ALA A 130 7.79 -0.68 15.94
C ALA A 130 8.54 -2.01 15.82
N LYS A 131 8.93 -2.35 14.63
CA LYS A 131 9.66 -3.62 14.47
C LYS A 131 10.96 -3.58 15.32
N ALA A 132 11.65 -2.45 15.32
CA ALA A 132 12.91 -2.37 16.04
C ALA A 132 12.70 -2.58 17.51
N ALA A 133 11.64 -1.95 18.01
CA ALA A 133 11.33 -1.98 19.44
C ALA A 133 10.93 -3.37 19.86
N ALA A 134 10.03 -3.97 19.11
CA ALA A 134 9.62 -5.35 19.34
C ALA A 134 10.78 -6.31 19.34
N ARG A 135 11.66 -6.18 18.37
CA ARG A 135 12.83 -7.09 18.32
C ARG A 135 13.74 -6.99 19.51
N ALA A 136 13.75 -5.80 20.14
CA ALA A 136 14.53 -5.62 21.33
C ALA A 136 13.95 -6.44 22.47
N LEU A 137 12.64 -6.68 22.43
CA LEU A 137 11.98 -7.37 23.53
C LEU A 137 11.60 -8.80 23.26
N ILE A 138 11.86 -9.31 22.09
CA ILE A 138 11.24 -10.59 21.67
C ILE A 138 11.73 -11.79 22.49
N ASP A 139 12.97 -11.70 22.92
CA ASP A 139 13.61 -12.79 23.60
C ASP A 139 13.75 -12.45 25.08
N VAL A 140 12.97 -11.50 25.61
CA VAL A 140 13.15 -11.18 27.02
C VAL A 140 12.07 -11.67 27.94
N ASP A 141 12.54 -12.29 29.01
CA ASP A 141 11.74 -13.04 29.89
C ASP A 141 10.75 -12.11 30.53
N GLY A 142 9.48 -12.51 30.51
CA GLY A 142 8.42 -11.72 31.10
C GLY A 142 7.58 -11.03 30.07
N TYR A 143 8.11 -10.89 28.85
CA TYR A 143 7.38 -10.17 27.83
C TYR A 143 6.64 -11.14 26.90
N ASP A 144 5.34 -11.27 27.08
CA ASP A 144 4.53 -12.01 26.12
C ASP A 144 4.26 -11.10 24.94
N ALA A 145 3.61 -11.67 23.94
CA ALA A 145 3.33 -10.99 22.69
C ALA A 145 2.61 -9.69 22.86
N GLU A 146 1.56 -9.67 23.68
CA GLU A 146 0.76 -8.46 23.82
C GLU A 146 1.59 -7.37 24.47
N LYS A 147 2.27 -7.72 25.54
CA LYS A 147 3.08 -6.74 26.25
C LYS A 147 4.18 -6.13 25.36
N ILE A 148 4.83 -6.99 24.56
CA ILE A 148 5.80 -6.49 23.62
C ILE A 148 5.13 -5.49 22.68
N ALA A 149 4.00 -5.89 22.13
CA ALA A 149 3.37 -5.12 21.06
C ALA A 149 2.91 -3.78 21.55
N ARG A 150 2.38 -3.73 22.75
CA ARG A 150 1.99 -2.47 23.37
C ARG A 150 3.17 -1.55 23.63
N LYS A 151 4.25 -2.07 24.16
CA LYS A 151 5.38 -1.23 24.43
C LYS A 151 5.98 -0.69 23.12
N ALA A 152 6.11 -1.55 22.12
CA ALA A 152 6.64 -1.10 20.84
C ALA A 152 5.71 -0.08 20.16
N MET A 153 4.40 -0.27 20.22
CA MET A 153 3.52 0.75 19.68
C MET A 153 3.69 2.10 20.37
N ARG A 154 3.82 2.11 21.69
CA ARG A 154 4.03 3.36 22.40
C ARG A 154 5.23 4.06 21.78
N ILE A 155 6.31 3.29 21.64
CA ILE A 155 7.57 3.85 21.25
C ILE A 155 7.50 4.36 19.83
N ALA A 156 7.01 3.53 18.95
CA ALA A 156 6.90 3.88 17.55
C ALA A 156 5.93 5.01 17.29
N THR A 157 4.76 4.95 17.90
CA THR A 157 3.79 6.03 17.70
C THR A 157 4.20 7.35 18.36
N ASP A 158 4.98 7.27 19.44
CA ASP A 158 5.56 8.50 19.99
C ASP A 158 6.51 9.16 19.01
N ILE A 159 7.15 8.34 18.18
CA ILE A 159 8.12 8.86 17.25
C ILE A 159 7.51 9.32 15.95
N ASP A 160 6.56 8.55 15.47
CA ASP A 160 5.95 8.81 14.15
C ASP A 160 4.88 9.87 14.31
N VAL A 161 5.08 10.99 13.66
CA VAL A 161 4.10 12.09 13.72
C VAL A 161 2.83 11.61 13.03
N PHE A 162 2.92 10.55 12.21
CA PHE A 162 1.71 10.12 11.48
C PHE A 162 0.97 8.97 12.13
N SER A 163 1.31 8.66 13.37
CA SER A 163 0.61 7.65 14.13
C SER A 163 0.32 8.20 15.50
N ASN A 164 -0.79 7.73 16.07
CA ASN A 164 -1.21 8.19 17.40
C ASN A 164 -1.18 7.09 18.48
N GLU A 165 -1.60 7.47 19.70
CA GLU A 165 -1.50 6.61 20.85
C GLU A 165 -2.74 5.76 21.09
N HIS A 166 -3.70 5.78 20.19
CA HIS A 166 -4.93 5.05 20.40
C HIS A 166 -4.88 3.85 19.47
N TRP A 167 -5.04 2.67 20.03
CA TRP A 167 -4.74 1.44 19.29
C TRP A 167 -5.91 0.46 19.28
N ASP A 168 -6.05 -0.30 18.22
CA ASP A 168 -6.97 -1.43 18.18
C ASP A 168 -6.12 -2.66 18.31
N VAL A 169 -6.66 -3.67 18.99
CA VAL A 169 -5.90 -4.88 19.34
C VAL A 169 -6.63 -6.14 18.93
N GLU A 170 -5.95 -7.02 18.19
CA GLU A 170 -6.48 -8.35 17.99
C GLU A 170 -5.49 -9.39 18.43
N VAL A 171 -6.03 -10.51 18.92
CA VAL A 171 -5.26 -11.59 19.48
C VAL A 171 -5.72 -12.96 18.96
N LEU A 172 -4.80 -13.88 18.63
CA LEU A 172 -5.16 -15.22 18.16
C LEU A 172 -4.31 -16.35 18.76
N GLU A 173 -4.82 -17.60 18.76
CA GLU A 173 -4.14 -18.83 19.30
N THR B 1 -12.53 27.45 -0.89
CA THR B 1 -13.86 26.95 -0.45
C THR B 1 -13.84 26.55 1.00
N THR B 2 -15.01 26.75 1.62
CA THR B 2 -15.26 26.29 2.98
C THR B 2 -16.63 25.69 3.10
N ILE B 3 -16.68 24.39 3.35
CA ILE B 3 -17.89 23.72 3.67
C ILE B 3 -17.74 23.15 5.05
N LEU B 4 -18.72 23.45 5.90
CA LEU B 4 -18.70 23.07 7.32
C LEU B 4 -19.99 22.45 7.76
N SER B 5 -19.91 21.38 8.52
CA SER B 5 -21.09 20.81 9.13
C SER B 5 -20.85 20.62 10.62
N VAL B 6 -21.80 21.13 11.39
CA VAL B 6 -21.82 21.01 12.84
C VAL B 6 -23.13 20.35 13.28
N ARG B 7 -23.00 19.26 14.04
CA ARG B 7 -24.12 18.56 14.63
C ARG B 7 -24.00 18.77 16.13
N LYS B 8 -25.02 19.41 16.69
CA LYS B 8 -25.13 19.54 18.10
C LYS B 8 -26.59 19.42 18.57
N GLY B 9 -26.81 18.50 19.51
CA GLY B 9 -28.13 18.20 19.99
C GLY B 9 -28.89 17.46 18.91
N ASP B 10 -30.15 17.84 18.74
CA ASP B 10 -31.00 17.18 17.76
C ASP B 10 -31.05 17.99 16.47
N THR B 11 -29.94 18.68 16.18
CA THR B 11 -29.80 19.54 15.02
C THR B 11 -28.46 19.42 14.35
N VAL B 12 -28.49 19.47 13.03
CA VAL B 12 -27.25 19.56 12.28
C VAL B 12 -27.38 20.62 11.21
N VAL B 13 -26.30 21.36 11.02
CA VAL B 13 -26.27 22.38 9.99
C VAL B 13 -25.14 22.09 9.02
N LEU B 14 -25.31 22.62 7.81
CA LEU B 14 -24.30 22.53 6.79
C LEU B 14 -24.21 23.88 6.13
N LEU B 15 -22.99 24.42 6.06
CA LEU B 15 -22.76 25.72 5.45
C LEU B 15 -21.72 25.61 4.37
N GLY B 16 -21.84 26.45 3.36
CA GLY B 16 -20.80 26.61 2.36
C GLY B 16 -20.74 28.03 1.90
N ASP B 17 -19.54 28.47 1.58
CA ASP B 17 -19.37 29.81 1.03
C ASP B 17 -19.67 29.78 -0.44
N ARG B 18 -19.50 30.91 -1.13
CA ARG B 18 -20.01 31.04 -2.48
C ARG B 18 -19.00 31.54 -3.50
N GLN B 19 -17.72 31.49 -3.14
CA GLN B 19 -16.66 32.03 -3.96
C GLN B 19 -16.10 30.99 -4.92
N VAL B 20 -15.99 31.38 -6.18
CA VAL B 20 -15.32 30.59 -7.13
C VAL B 20 -14.11 31.33 -7.57
N THR B 21 -12.98 30.64 -7.50
CA THR B 21 -11.71 31.23 -7.77
C THR B 21 -11.07 30.60 -8.97
N LEU B 22 -10.51 31.41 -9.86
CA LEU B 22 -9.75 30.91 -10.97
C LEU B 22 -8.29 31.15 -10.82
N GLY B 23 -7.53 30.12 -11.20
CA GLY B 23 -6.07 30.21 -11.31
C GLY B 23 -5.45 30.43 -9.96
N GLU B 24 -6.19 30.07 -8.92
CA GLU B 24 -5.84 30.38 -7.57
C GLU B 24 -5.52 31.88 -7.36
N ARG B 25 -6.18 32.77 -8.07
CA ARG B 25 -5.80 34.18 -7.91
C ARG B 25 -6.90 35.19 -8.11
N ILE B 26 -7.91 34.89 -8.92
CA ILE B 26 -8.99 35.82 -9.09
C ILE B 26 -10.36 35.17 -8.82
N VAL B 27 -11.25 35.97 -8.24
CA VAL B 27 -12.61 35.55 -7.95
C VAL B 27 -13.40 35.70 -9.21
N ALA B 28 -14.00 34.64 -9.70
CA ALA B 28 -14.82 34.73 -10.91
C ALA B 28 -16.30 34.81 -10.58
N LYS B 29 -16.71 34.33 -9.43
CA LYS B 29 -18.10 34.43 -9.02
C LYS B 29 -18.10 34.45 -7.51
N SER B 30 -18.89 35.34 -6.94
CA SER B 30 -18.99 35.43 -5.49
C SER B 30 -20.35 34.95 -4.95
N SER B 31 -21.13 34.28 -5.81
CA SER B 31 -22.52 33.93 -5.51
C SER B 31 -22.92 32.52 -5.98
N ALA B 32 -21.96 31.62 -5.99
CA ALA B 32 -22.17 30.23 -6.41
C ALA B 32 -22.54 29.34 -5.23
N CYS B 33 -23.60 28.58 -5.35
CA CYS B 33 -24.09 27.74 -4.28
C CYS B 33 -23.34 26.43 -4.30
N LYS B 34 -22.85 25.99 -3.18
CA LYS B 34 -22.10 24.77 -3.18
C LYS B 34 -22.81 23.64 -2.46
N LEU B 35 -24.10 23.80 -2.16
CA LEU B 35 -24.88 22.77 -1.44
C LEU B 35 -25.96 22.28 -2.35
N ARG B 36 -26.27 20.98 -2.33
CA ARG B 36 -27.40 20.43 -3.08
C ARG B 36 -28.16 19.46 -2.21
N ARG B 37 -29.51 19.57 -2.22
CA ARG B 37 -30.37 18.53 -1.67
C ARG B 37 -30.36 17.38 -2.67
N ILE B 38 -30.56 16.15 -2.22
CA ILE B 38 -30.88 15.05 -3.16
C ILE B 38 -32.08 14.20 -2.76
N ASN B 39 -32.63 14.43 -1.58
CA ASN B 39 -33.97 14.03 -1.25
C ASN B 39 -34.36 14.77 0.02
N ASP B 40 -35.26 14.21 0.81
CA ASP B 40 -35.73 14.92 1.99
C ASP B 40 -34.80 14.76 3.18
N ASP B 41 -34.01 13.70 3.13
CA ASP B 41 -33.17 13.30 4.26
C ASP B 41 -31.71 13.67 4.13
N VAL B 42 -31.28 14.02 2.91
CA VAL B 42 -29.85 14.17 2.58
C VAL B 42 -29.43 15.40 1.74
N VAL B 43 -28.47 16.15 2.28
CA VAL B 43 -27.90 17.26 1.57
C VAL B 43 -26.42 17.04 1.48
N ILE B 44 -25.84 17.78 0.57
CA ILE B 44 -24.45 17.55 0.31
C ILE B 44 -23.81 18.85 -0.15
N GLY B 45 -22.62 19.08 0.36
CA GLY B 45 -21.83 20.23 -0.04
C GLY B 45 -20.52 19.80 -0.62
N PHE B 46 -20.00 20.63 -1.50
CA PHE B 46 -18.84 20.26 -2.28
C PHE B 46 -17.81 21.37 -2.36
N ALA B 47 -16.55 20.98 -2.34
CA ALA B 47 -15.47 21.82 -2.83
C ALA B 47 -14.96 21.26 -4.12
N GLY B 48 -14.89 22.10 -5.14
CA GLY B 48 -14.46 21.67 -6.46
C GLY B 48 -15.38 22.29 -7.45
N SER B 49 -15.11 22.06 -8.73
CA SER B 49 -15.91 22.69 -9.78
C SER B 49 -17.33 22.11 -9.83
N THR B 50 -18.25 22.92 -10.33
CA THR B 50 -19.61 22.48 -10.57
C THR B 50 -19.69 21.13 -11.27
N ALA B 51 -18.93 20.98 -12.34
CA ALA B 51 -19.00 19.76 -13.14
C ALA B 51 -18.45 18.56 -12.38
N ASP B 52 -17.29 18.72 -11.76
CA ASP B 52 -16.66 17.58 -11.08
C ASP B 52 -17.60 17.18 -9.96
N ALA B 53 -18.06 18.16 -9.20
CA ALA B 53 -18.82 17.90 -8.00
C ALA B 53 -20.13 17.22 -8.36
N ILE B 54 -20.81 17.75 -9.36
CA ILE B 54 -22.06 17.17 -9.79
C ILE B 54 -21.91 15.76 -10.36
N SER B 55 -20.89 15.52 -11.16
CA SER B 55 -20.64 14.18 -11.66
C SER B 55 -20.54 13.20 -10.51
N LEU B 56 -19.80 13.60 -9.46
CA LEU B 56 -19.62 12.77 -8.30
C LEU B 56 -20.91 12.65 -7.48
N MET B 57 -21.73 13.71 -7.46
CA MET B 57 -23.01 13.64 -6.79
C MET B 57 -23.90 12.61 -7.41
N GLU B 58 -23.91 12.58 -8.73
CA GLU B 58 -24.78 11.66 -9.44
C GLU B 58 -24.40 10.21 -9.21
N LYS B 59 -23.11 9.93 -9.21
CA LYS B 59 -22.62 8.60 -8.86
C LYS B 59 -22.98 8.25 -7.44
N LEU B 60 -22.97 9.23 -6.56
CA LEU B 60 -23.36 8.98 -5.21
C LEU B 60 -24.87 8.66 -5.13
N GLU B 61 -25.73 9.44 -5.80
CA GLU B 61 -27.16 9.12 -5.83
C GLU B 61 -27.38 7.64 -6.19
N ASN B 62 -26.66 7.17 -7.21
CA ASN B 62 -26.71 5.75 -7.61
C ASN B 62 -26.29 4.83 -6.52
N LYS B 63 -25.29 5.23 -5.73
CA LYS B 63 -24.90 4.38 -4.64
C LYS B 63 -25.94 4.38 -3.55
N ILE B 64 -26.61 5.51 -3.31
CA ILE B 64 -27.71 5.53 -2.35
C ILE B 64 -28.89 4.72 -2.86
N GLY B 65 -29.13 4.81 -4.15
CA GLY B 65 -30.16 3.95 -4.76
C GLY B 65 -29.97 2.45 -4.54
N GLU B 66 -28.72 2.03 -4.51
CA GLU B 66 -28.37 0.62 -4.39
C GLU B 66 -28.26 0.20 -2.93
N PHE B 67 -27.87 1.12 -2.04
CA PHE B 67 -27.74 0.85 -0.63
C PHE B 67 -28.58 1.91 0.13
N PRO B 68 -29.92 1.74 0.12
CA PRO B 68 -30.85 2.79 0.50
C PRO B 68 -30.78 3.33 1.93
N ASN B 69 -30.40 2.52 2.92
CA ASN B 69 -30.39 3.02 4.29
C ASN B 69 -29.11 2.72 5.01
N GLN B 70 -28.04 2.68 4.22
CA GLN B 70 -26.68 2.66 4.73
C GLN B 70 -25.97 3.81 4.06
N LEU B 71 -26.12 4.99 4.61
CA LEU B 71 -25.47 6.13 3.99
C LEU B 71 -23.96 5.85 3.92
N THR B 72 -23.43 5.31 4.99
CA THR B 72 -22.01 5.08 5.11
C THR B 72 -21.49 4.12 4.06
N ARG B 73 -22.30 3.17 3.66
CA ARG B 73 -21.83 2.14 2.73
C ARG B 73 -21.78 2.71 1.33
N ALA B 74 -22.84 3.40 0.97
CA ALA B 74 -22.91 4.13 -0.28
C ALA B 74 -21.69 5.01 -0.46
N ALA B 75 -21.35 5.73 0.60
CA ALA B 75 -20.23 6.63 0.61
C ALA B 75 -18.95 5.85 0.30
N VAL B 76 -18.79 4.72 0.95
CA VAL B 76 -17.62 3.91 0.78
C VAL B 76 -17.55 3.32 -0.63
N GLU B 77 -18.71 2.95 -1.18
CA GLU B 77 -18.77 2.38 -2.51
C GLU B 77 -18.45 3.43 -3.54
N LEU B 78 -18.87 4.65 -3.26
CA LEU B 78 -18.59 5.74 -4.13
C LEU B 78 -17.12 5.97 -4.16
N ALA B 79 -16.54 6.06 -2.97
CA ALA B 79 -15.11 6.26 -2.85
C ALA B 79 -14.37 5.16 -3.59
N LYS B 80 -14.77 3.92 -3.40
CA LYS B 80 -14.16 2.80 -4.14
C LYS B 80 -14.19 2.99 -5.64
N GLU B 81 -15.35 3.35 -6.17
CA GLU B 81 -15.47 3.53 -7.60
C GLU B 81 -14.60 4.69 -8.07
N TRP B 82 -14.66 5.76 -7.30
CA TRP B 82 -13.98 7.01 -7.61
C TRP B 82 -12.46 6.75 -7.75
N ARG B 83 -11.90 5.96 -6.82
CA ARG B 83 -10.50 5.60 -6.84
C ARG B 83 -10.07 4.63 -7.96
N THR B 84 -11.01 3.84 -8.48
CA THR B 84 -10.65 2.84 -9.50
C THR B 84 -11.09 3.26 -10.90
N ASP B 85 -11.99 4.23 -11.01
CA ASP B 85 -12.42 4.67 -12.32
C ASP B 85 -11.41 5.72 -12.83
N ARG B 86 -10.96 5.51 -14.06
CA ARG B 86 -9.87 6.30 -14.65
C ARG B 86 -10.39 7.73 -14.77
N ALA B 87 -11.63 7.84 -15.22
CA ALA B 87 -12.28 9.11 -15.51
C ALA B 87 -12.48 9.93 -14.24
N LEU B 88 -13.09 9.29 -13.24
CA LEU B 88 -13.36 9.95 -11.97
C LEU B 88 -12.10 10.40 -11.31
N ARG B 89 -11.03 9.64 -11.52
CA ARG B 89 -9.79 9.98 -10.87
C ARG B 89 -9.20 11.25 -11.40
N ARG B 90 -9.62 11.66 -12.59
CA ARG B 90 -9.14 12.93 -13.14
C ARG B 90 -9.86 14.15 -12.51
N LEU B 91 -10.92 13.92 -11.73
CA LEU B 91 -11.65 15.01 -11.05
C LEU B 91 -11.08 15.38 -9.68
N GLU B 92 -11.04 16.68 -9.38
CA GLU B 92 -10.73 17.17 -8.04
C GLU B 92 -12.03 17.62 -7.42
N ALA B 93 -12.35 17.00 -6.28
CA ALA B 93 -13.43 17.45 -5.42
C ALA B 93 -13.35 16.77 -4.05
N SER B 94 -14.06 17.37 -3.11
CA SER B 94 -14.31 16.77 -1.84
C SER B 94 -15.78 17.03 -1.57
N LEU B 95 -16.41 16.12 -0.85
CA LEU B 95 -17.82 16.19 -0.52
C LEU B 95 -18.04 15.98 0.95
N ILE B 96 -19.09 16.64 1.45
CA ILE B 96 -19.65 16.30 2.74
C ILE B 96 -21.09 15.94 2.50
N VAL B 97 -21.49 14.84 3.12
CA VAL B 97 -22.79 14.28 2.96
C VAL B 97 -23.38 14.28 4.31
N CYS B 98 -24.59 14.82 4.41
CA CYS B 98 -25.27 15.02 5.67
C CYS B 98 -26.65 14.46 5.69
N SER B 99 -26.98 13.72 6.74
CA SER B 99 -28.37 13.36 7.00
C SER B 99 -28.72 13.80 8.41
N ALA B 100 -29.97 13.65 8.82
CA ALA B 100 -30.30 13.88 10.23
C ALA B 100 -29.33 13.09 11.10
N GLU B 101 -29.11 11.84 10.74
CA GLU B 101 -28.32 10.92 11.56
C GLU B 101 -26.80 10.95 11.37
N GLU B 102 -26.31 10.81 10.14
CA GLU B 102 -24.87 10.60 9.85
C GLU B 102 -24.27 11.81 9.09
N THR B 103 -22.96 12.00 9.20
CA THR B 103 -22.28 12.96 8.35
C THR B 103 -20.98 12.33 7.87
N LEU B 104 -20.73 12.39 6.57
CA LEU B 104 -19.48 11.88 6.04
C LEU B 104 -18.75 12.86 5.15
N GLU B 105 -17.43 12.79 5.21
CA GLU B 105 -16.52 13.55 4.35
C GLU B 105 -15.90 12.52 3.40
N ILE B 106 -15.95 12.80 2.11
CA ILE B 106 -15.28 11.95 1.13
C ILE B 106 -14.39 12.77 0.22
N ASP B 107 -13.15 12.32 0.01
CA ASP B 107 -12.23 13.01 -0.84
C ASP B 107 -11.70 12.09 -1.91
N GLY B 108 -10.83 12.65 -2.71
CA GLY B 108 -10.31 11.97 -3.86
C GLY B 108 -9.11 11.10 -3.52
N GLN B 109 -8.64 11.16 -2.29
CA GLN B 109 -7.60 10.23 -1.83
C GLN B 109 -8.27 8.94 -1.42
N GLY B 110 -9.59 8.93 -1.37
CA GLY B 110 -10.32 7.74 -0.98
C GLY B 110 -10.56 7.62 0.52
N ASN B 111 -10.41 8.72 1.24
CA ASN B 111 -10.73 8.70 2.64
C ASN B 111 -12.23 8.83 2.79
N VAL B 112 -12.77 8.16 3.77
CA VAL B 112 -14.14 8.35 4.14
C VAL B 112 -14.14 8.58 5.63
N ILE B 113 -14.49 9.79 6.04
CA ILE B 113 -14.26 10.27 7.37
C ILE B 113 -15.57 10.64 7.99
N THR B 114 -15.81 10.11 9.18
CA THR B 114 -16.93 10.55 10.00
C THR B 114 -16.39 11.40 11.15
N PRO B 115 -17.25 12.28 11.72
CA PRO B 115 -16.82 13.19 12.77
C PRO B 115 -16.38 12.43 13.99
N GLU B 116 -15.59 13.08 14.82
CA GLU B 116 -15.36 12.56 16.16
C GLU B 116 -16.68 12.80 16.92
N ALA B 117 -16.71 12.56 18.22
CA ALA B 117 -17.90 12.81 19.00
C ALA B 117 -18.44 14.25 18.87
N ASP B 118 -17.59 15.21 18.54
CA ASP B 118 -18.00 16.63 18.50
C ASP B 118 -18.91 17.00 17.35
N GLY B 119 -19.08 16.07 16.41
CA GLY B 119 -20.04 16.26 15.33
C GLY B 119 -19.62 17.19 14.24
N ILE B 120 -18.32 17.45 14.15
CA ILE B 120 -17.81 18.44 13.21
C ILE B 120 -17.03 17.81 12.06
N VAL B 121 -17.36 18.31 10.88
CA VAL B 121 -16.75 17.86 9.63
C VAL B 121 -16.59 19.10 8.73
N ALA B 122 -15.44 19.22 8.05
CA ALA B 122 -15.24 20.31 7.10
C ALA B 122 -14.19 20.03 6.03
N ILE B 123 -14.44 20.61 4.86
CA ILE B 123 -13.57 20.48 3.70
C ILE B 123 -13.36 21.82 3.04
N GLY B 124 -12.40 21.84 2.15
CA GLY B 124 -12.03 23.01 1.43
C GLY B 124 -10.80 23.63 1.97
N SER B 125 -10.29 24.58 1.22
CA SER B 125 -9.13 25.31 1.67
C SER B 125 -9.37 25.88 3.04
N GLY B 126 -10.62 26.26 3.31
CA GLY B 126 -10.94 26.90 4.59
C GLY B 126 -11.41 25.94 5.66
N GLY B 127 -11.63 24.68 5.26
CA GLY B 127 -12.26 23.73 6.13
C GLY B 127 -11.61 23.51 7.48
N THR B 128 -10.29 23.39 7.51
CA THR B 128 -9.61 23.06 8.76
C THR B 128 -9.64 24.24 9.74
N PHE B 129 -9.60 25.44 9.21
CA PHE B 129 -9.78 26.62 10.07
C PHE B 129 -11.18 26.59 10.67
N ALA B 130 -12.16 26.20 9.88
CA ALA B 130 -13.56 26.21 10.38
C ALA B 130 -13.68 25.14 11.43
N LYS B 131 -13.02 24.02 11.20
CA LYS B 131 -13.14 22.93 12.17
C LYS B 131 -12.55 23.38 13.49
N ALA B 132 -11.45 24.08 13.41
CA ALA B 132 -10.76 24.51 14.63
C ALA B 132 -11.64 25.48 15.44
N ALA B 133 -12.26 26.39 14.73
CA ALA B 133 -13.11 27.38 15.35
C ALA B 133 -14.34 26.73 15.97
N ALA B 134 -15.02 25.87 15.21
CA ALA B 134 -16.18 25.16 15.72
C ALA B 134 -15.87 24.35 16.95
N ARG B 135 -14.74 23.64 16.93
CA ARG B 135 -14.38 22.85 18.09
C ARG B 135 -14.20 23.67 19.36
N ALA B 136 -13.83 24.93 19.19
CA ALA B 136 -13.61 25.79 20.32
C ALA B 136 -14.95 26.12 20.93
N LEU B 137 -16.01 26.08 20.14
CA LEU B 137 -17.32 26.45 20.64
C LEU B 137 -18.27 25.31 20.93
N ILE B 138 -17.86 24.07 20.66
CA ILE B 138 -18.84 22.99 20.60
C ILE B 138 -19.50 22.70 21.94
N ASP B 139 -18.73 22.88 22.99
CA ASP B 139 -19.13 22.52 24.33
C ASP B 139 -19.44 23.78 25.14
N VAL B 140 -19.73 24.90 24.48
CA VAL B 140 -20.03 26.08 25.27
C VAL B 140 -21.50 26.45 25.27
N ASP B 141 -21.97 26.67 26.48
CA ASP B 141 -23.38 26.92 26.78
C ASP B 141 -23.87 28.18 26.11
N GLY B 142 -24.95 28.04 25.36
CA GLY B 142 -25.53 29.13 24.59
C GLY B 142 -25.31 29.01 23.09
N TYR B 143 -24.33 28.22 22.69
CA TYR B 143 -24.03 28.06 21.29
C TYR B 143 -24.73 26.81 20.74
N ASP B 144 -25.82 27.00 20.02
CA ASP B 144 -26.39 25.89 19.24
C ASP B 144 -25.61 25.71 17.94
N ALA B 145 -25.97 24.68 17.21
CA ALA B 145 -25.24 24.30 16.00
C ALA B 145 -25.11 25.42 14.99
N GLU B 146 -26.19 26.15 14.77
CA GLU B 146 -26.16 27.18 13.75
C GLU B 146 -25.21 28.29 14.18
N LYS B 147 -25.35 28.71 15.42
CA LYS B 147 -24.57 29.82 15.89
C LYS B 147 -23.09 29.52 15.82
N ILE B 148 -22.75 28.30 16.20
CA ILE B 148 -21.37 27.84 16.11
C ILE B 148 -20.90 27.90 14.68
N ALA B 149 -21.70 27.37 13.79
CA ALA B 149 -21.29 27.24 12.40
C ALA B 149 -21.08 28.60 11.79
N ARG B 150 -21.94 29.55 12.14
CA ARG B 150 -21.86 30.87 11.55
C ARG B 150 -20.60 31.56 12.04
N LYS B 151 -20.31 31.45 13.32
CA LYS B 151 -19.17 32.14 13.83
C LYS B 151 -17.90 31.53 13.22
N ALA B 152 -17.85 30.20 13.14
CA ALA B 152 -16.69 29.54 12.55
C ALA B 152 -16.51 29.85 11.06
N MET B 153 -17.60 29.96 10.31
CA MET B 153 -17.45 30.38 8.93
C MET B 153 -16.88 31.77 8.80
N ARG B 154 -17.33 32.69 9.65
CA ARG B 154 -16.81 34.06 9.61
C ARG B 154 -15.32 34.00 9.75
N ILE B 155 -14.90 33.26 10.74
CA ILE B 155 -13.51 33.19 11.11
C ILE B 155 -12.68 32.53 10.01
N ALA B 156 -13.11 31.36 9.57
CA ALA B 156 -12.41 30.62 8.55
C ALA B 156 -12.38 31.37 7.22
N THR B 157 -13.52 31.95 6.81
CA THR B 157 -13.58 32.62 5.53
C THR B 157 -12.86 33.95 5.56
N ASP B 158 -12.74 34.56 6.74
CA ASP B 158 -11.86 35.73 6.87
C ASP B 158 -10.41 35.39 6.63
N ILE B 159 -10.03 34.17 6.96
CA ILE B 159 -8.67 33.75 6.87
C ILE B 159 -8.35 33.24 5.51
N ASP B 160 -9.29 32.51 4.93
CA ASP B 160 -9.04 31.83 3.67
C ASP B 160 -9.28 32.82 2.58
N VAL B 161 -8.22 33.12 1.83
CA VAL B 161 -8.37 34.01 0.70
C VAL B 161 -9.24 33.33 -0.37
N PHE B 162 -9.40 32.00 -0.33
CA PHE B 162 -10.23 31.33 -1.35
C PHE B 162 -11.67 31.11 -0.94
N SER B 163 -12.10 31.70 0.15
CA SER B 163 -13.48 31.60 0.58
C SER B 163 -13.97 33.02 0.90
N ASN B 164 -15.28 33.24 0.69
CA ASN B 164 -15.92 34.52 1.00
C ASN B 164 -16.94 34.48 2.13
N GLU B 165 -17.55 35.64 2.36
CA GLU B 165 -18.44 35.85 3.51
C GLU B 165 -19.89 35.54 3.22
N HIS B 166 -20.20 35.02 2.04
CA HIS B 166 -21.58 34.80 1.64
C HIS B 166 -21.81 33.31 1.69
N TRP B 167 -22.81 32.90 2.49
CA TRP B 167 -22.95 31.48 2.84
C TRP B 167 -24.34 30.94 2.47
N ASP B 168 -24.41 29.66 2.11
CA ASP B 168 -25.67 28.95 2.01
C ASP B 168 -25.78 28.08 3.23
N VAL B 169 -27.01 27.86 3.70
CA VAL B 169 -27.25 27.18 4.99
C VAL B 169 -28.30 26.12 4.85
N GLU B 170 -27.99 24.91 5.28
CA GLU B 170 -29.00 23.88 5.43
C GLU B 170 -29.02 23.40 6.83
N VAL B 171 -30.21 23.03 7.27
CA VAL B 171 -30.47 22.60 8.65
C VAL B 171 -31.34 21.33 8.69
N LEU B 172 -31.02 20.36 9.55
CA LEU B 172 -31.78 19.10 9.64
C LEU B 172 -32.03 18.63 11.10
N GLU B 173 -33.12 17.86 11.35
CA GLU B 173 -33.55 17.35 12.70
N THR C 1 20.14 -6.40 -4.68
CA THR C 1 20.14 -7.83 -5.06
C THR C 1 21.38 -8.19 -5.86
N THR C 2 21.77 -9.45 -5.69
CA THR C 2 22.82 -10.02 -6.48
C THR C 2 22.50 -11.45 -6.87
N ILE C 3 22.30 -11.66 -8.17
CA ILE C 3 22.15 -12.99 -8.69
C ILE C 3 23.28 -13.20 -9.66
N LEU C 4 23.99 -14.30 -9.49
CA LEU C 4 25.15 -14.61 -10.27
C LEU C 4 25.12 -16.05 -10.79
N SER C 5 25.50 -16.25 -12.05
CA SER C 5 25.65 -17.58 -12.59
C SER C 5 27.00 -17.72 -13.25
N VAL C 6 27.69 -18.78 -12.86
CA VAL C 6 28.97 -19.15 -13.40
C VAL C 6 28.88 -20.55 -13.97
N ARG C 7 29.23 -20.70 -15.24
CA ARG C 7 29.37 -22.00 -15.88
C ARG C 7 30.83 -22.21 -16.12
N LYS C 8 31.35 -23.26 -15.53
CA LYS C 8 32.70 -23.69 -15.84
C LYS C 8 32.80 -25.22 -15.85
N GLY C 9 33.36 -25.75 -16.93
CA GLY C 9 33.54 -27.20 -17.09
C GLY C 9 32.20 -27.86 -17.32
N ASP C 10 31.96 -28.96 -16.59
CA ASP C 10 30.73 -29.70 -16.76
C ASP C 10 29.63 -29.24 -15.80
N THR C 11 29.77 -28.02 -15.29
CA THR C 11 28.96 -27.55 -14.19
C THR C 11 28.54 -26.09 -14.31
N VAL C 12 27.33 -25.79 -13.86
CA VAL C 12 26.92 -24.43 -13.77
C VAL C 12 26.25 -24.20 -12.44
N VAL C 13 26.52 -23.04 -11.85
CA VAL C 13 25.91 -22.68 -10.59
C VAL C 13 25.13 -21.42 -10.75
N LEU C 14 24.16 -21.27 -9.86
CA LEU C 14 23.40 -20.03 -9.76
C LEU C 14 23.27 -19.67 -8.30
N LEU C 15 23.62 -18.43 -7.96
CA LEU C 15 23.49 -17.96 -6.57
C LEU C 15 22.67 -16.70 -6.54
N GLY C 16 21.97 -16.51 -5.42
CA GLY C 16 21.30 -15.25 -5.14
C GLY C 16 21.37 -14.96 -3.67
N ASP C 17 21.45 -13.68 -3.33
CA ASP C 17 21.35 -13.26 -1.93
C ASP C 17 19.90 -13.22 -1.49
N ARG C 18 19.66 -12.81 -0.25
CA ARG C 18 18.35 -13.00 0.34
C ARG C 18 17.80 -11.75 0.95
N GLN C 19 18.37 -10.61 0.59
CA GLN C 19 17.96 -9.32 1.18
C GLN C 19 16.84 -8.67 0.40
N VAL C 20 15.78 -8.30 1.09
CA VAL C 20 14.76 -7.46 0.48
C VAL C 20 14.82 -6.08 1.12
N THR C 21 14.93 -5.07 0.28
CA THR C 21 15.12 -3.73 0.70
C THR C 21 13.92 -2.86 0.34
N LEU C 22 13.45 -2.03 1.27
CA LEU C 22 12.40 -1.08 1.00
C LEU C 22 12.90 0.33 0.97
N GLY C 23 12.40 1.08 0.00
CA GLY C 23 12.66 2.50 -0.11
C GLY C 23 14.11 2.79 -0.32
N GLU C 24 14.83 1.80 -0.85
CA GLU C 24 16.27 1.85 -1.00
C GLU C 24 16.98 2.22 0.31
N ARG C 25 16.41 1.83 1.43
CA ARG C 25 16.79 2.40 2.72
C ARG C 25 16.90 1.33 3.79
N ILE C 26 15.87 0.50 3.89
CA ILE C 26 15.80 -0.43 4.98
C ILE C 26 15.59 -1.86 4.53
N VAL C 27 16.19 -2.77 5.27
CA VAL C 27 16.06 -4.15 5.01
C VAL C 27 14.76 -4.60 5.62
N ALA C 28 13.85 -5.15 4.82
CA ALA C 28 12.61 -5.69 5.36
C ALA C 28 12.64 -7.20 5.56
N LYS C 29 13.51 -7.92 4.86
CA LYS C 29 13.69 -9.32 5.09
C LYS C 29 15.11 -9.69 4.68
N SER C 30 15.76 -10.48 5.51
CA SER C 30 17.12 -10.88 5.19
C SER C 30 17.20 -12.40 4.79
N SER C 31 16.05 -13.04 4.58
CA SER C 31 15.95 -14.47 4.38
C SER C 31 14.96 -14.86 3.24
N ALA C 32 14.86 -14.00 2.22
CA ALA C 32 14.01 -14.23 1.08
C ALA C 32 14.77 -14.96 -0.04
N CYS C 33 14.19 -16.04 -0.55
CA CYS C 33 14.83 -16.81 -1.58
C CYS C 33 14.52 -16.18 -2.93
N LYS C 34 15.54 -15.99 -3.75
CA LYS C 34 15.30 -15.39 -5.03
C LYS C 34 15.46 -16.35 -6.20
N LEU C 35 15.53 -17.65 -5.93
CA LEU C 35 15.73 -18.65 -6.97
C LEU C 35 14.54 -19.54 -6.99
N ARG C 36 14.11 -19.98 -8.17
CA ARG C 36 13.03 -20.97 -8.28
C ARG C 36 13.43 -21.99 -9.30
N ARG C 37 13.23 -23.25 -8.97
CA ARG C 37 13.19 -24.31 -9.97
C ARG C 37 11.90 -24.18 -10.77
N ILE C 38 11.89 -24.60 -12.03
CA ILE C 38 10.59 -24.82 -12.71
C ILE C 38 10.44 -26.19 -13.37
N ASN C 39 11.53 -26.97 -13.39
CA ASN C 39 11.47 -28.40 -13.65
C ASN C 39 12.81 -29.02 -13.23
N ASP C 40 13.20 -30.12 -13.86
CA ASP C 40 14.47 -30.81 -13.55
C ASP C 40 15.67 -30.13 -14.19
N ASP C 41 15.42 -29.46 -15.31
CA ASP C 41 16.47 -28.93 -16.17
C ASP C 41 16.73 -27.44 -16.07
N VAL C 42 15.80 -26.71 -15.43
CA VAL C 42 15.79 -25.24 -15.43
C VAL C 42 15.49 -24.55 -14.10
N VAL C 43 16.41 -23.68 -13.71
CA VAL C 43 16.21 -22.81 -12.55
C VAL C 43 16.33 -21.36 -12.98
N ILE C 44 15.85 -20.51 -12.11
CA ILE C 44 15.76 -19.13 -12.46
C ILE C 44 15.86 -18.31 -11.22
N GLY C 45 16.62 -17.23 -11.34
CA GLY C 45 16.77 -16.29 -10.27
C GLY C 45 16.28 -14.93 -10.72
N PHE C 46 15.80 -14.14 -9.75
CA PHE C 46 15.20 -12.86 -10.06
C PHE C 46 15.68 -11.73 -9.16
N ALA C 47 15.79 -10.54 -9.73
CA ALA C 47 15.87 -9.32 -8.96
C ALA C 47 14.58 -8.56 -9.18
N GLY C 48 13.91 -8.19 -8.10
CA GLY C 48 12.63 -7.51 -8.19
C GLY C 48 11.71 -8.12 -7.19
N SER C 49 10.49 -7.58 -7.11
CA SER C 49 9.54 -8.00 -6.08
C SER C 49 9.01 -9.39 -6.38
N THR C 50 8.58 -10.06 -5.33
CA THR C 50 7.97 -11.35 -5.43
C THR C 50 6.93 -11.40 -6.51
N ALA C 51 6.03 -10.43 -6.50
CA ALA C 51 4.90 -10.45 -7.42
C ALA C 51 5.34 -10.23 -8.85
N ASP C 52 6.19 -9.25 -9.05
CA ASP C 52 6.62 -8.93 -10.40
C ASP C 52 7.35 -10.14 -10.94
N ALA C 53 8.25 -10.67 -10.15
CA ALA C 53 9.14 -11.70 -10.61
C ALA C 53 8.34 -12.94 -10.94
N ILE C 54 7.41 -13.28 -10.07
CA ILE C 54 6.62 -14.46 -10.28
C ILE C 54 5.68 -14.36 -11.48
N SER C 55 5.08 -13.21 -11.65
CA SER C 55 4.23 -13.00 -12.81
C SER C 55 5.02 -13.27 -14.08
N LEU C 56 6.26 -12.78 -14.11
CA LEU C 56 7.11 -12.95 -15.27
C LEU C 56 7.60 -14.38 -15.39
N MET C 57 7.82 -15.06 -14.28
CA MET C 57 8.17 -16.48 -14.32
C MET C 57 7.09 -17.29 -14.99
N GLU C 58 5.85 -17.00 -14.65
CA GLU C 58 4.75 -17.79 -15.15
C GLU C 58 4.62 -17.62 -16.64
N LYS C 59 4.76 -16.40 -17.11
CA LYS C 59 4.73 -16.14 -18.54
C LYS C 59 5.89 -16.86 -19.21
N LEU C 60 7.01 -16.98 -18.52
CA LEU C 60 8.13 -17.69 -19.09
C LEU C 60 7.85 -19.19 -19.17
N GLU C 61 7.32 -19.78 -18.12
CA GLU C 61 6.89 -21.20 -18.20
C GLU C 61 6.04 -21.47 -19.45
N ASN C 62 5.05 -20.60 -19.72
CA ASN C 62 4.24 -20.69 -20.94
C ASN C 62 5.06 -20.61 -22.19
N LYS C 63 6.10 -19.79 -22.19
CA LYS C 63 6.94 -19.73 -23.38
C LYS C 63 7.79 -20.99 -23.54
N ILE C 64 8.23 -21.60 -22.43
CA ILE C 64 8.92 -22.89 -22.53
C ILE C 64 7.98 -24.00 -22.94
N GLY C 65 6.75 -23.95 -22.44
CA GLY C 65 5.73 -24.89 -22.90
C GLY C 65 5.53 -24.89 -24.40
N GLU C 66 5.64 -23.72 -25.02
CA GLU C 66 5.35 -23.54 -26.42
C GLU C 66 6.60 -23.83 -27.26
N PHE C 67 7.78 -23.58 -26.73
CA PHE C 67 9.03 -23.82 -27.44
C PHE C 67 9.92 -24.69 -26.54
N PRO C 68 9.63 -26.01 -26.49
CA PRO C 68 10.10 -26.89 -25.40
C PRO C 68 11.59 -27.11 -25.27
N ASN C 69 12.36 -27.05 -26.35
CA ASN C 69 13.79 -27.23 -26.19
C ASN C 69 14.59 -26.18 -26.91
N GLN C 70 14.03 -24.97 -26.95
CA GLN C 70 14.73 -23.78 -27.36
C GLN C 70 14.59 -22.81 -26.22
N LEU C 71 15.46 -22.95 -25.24
CA LEU C 71 15.38 -22.06 -24.12
C LEU C 71 15.52 -20.59 -24.59
N THR C 72 16.47 -20.37 -25.50
CA THR C 72 16.74 -19.02 -25.98
C THR C 72 15.56 -18.39 -26.67
N ARG C 73 14.74 -19.21 -27.30
CA ARG C 73 13.66 -18.67 -28.10
C ARG C 73 12.58 -18.23 -27.14
N ALA C 74 12.30 -19.11 -26.20
CA ALA C 74 11.33 -18.82 -25.17
C ALA C 74 11.64 -17.49 -24.49
N ALA C 75 12.91 -17.33 -24.18
CA ALA C 75 13.38 -16.14 -23.51
C ALA C 75 13.08 -14.92 -24.34
N VAL C 76 13.36 -15.04 -25.63
CA VAL C 76 13.16 -13.94 -26.54
C VAL C 76 11.67 -13.62 -26.68
N GLU C 77 10.82 -14.65 -26.68
CA GLU C 77 9.37 -14.49 -26.85
C GLU C 77 8.79 -13.82 -25.62
N LEU C 78 9.39 -14.16 -24.49
CA LEU C 78 8.99 -13.58 -23.24
C LEU C 78 9.31 -12.10 -23.25
N ALA C 79 10.55 -11.79 -23.59
CA ALA C 79 10.98 -10.42 -23.68
C ALA C 79 10.07 -9.65 -24.63
N LYS C 80 9.78 -10.23 -25.80
CA LYS C 80 8.87 -9.59 -26.76
C LYS C 80 7.52 -9.24 -26.13
N GLU C 81 6.93 -10.21 -25.44
CA GLU C 81 5.64 -9.97 -24.84
C GLU C 81 5.75 -8.91 -23.77
N TRP C 82 6.78 -9.05 -22.95
CA TRP C 82 7.00 -8.18 -21.81
C TRP C 82 7.05 -6.70 -22.26
N ARG C 83 7.76 -6.45 -23.35
CA ARG C 83 7.88 -5.10 -23.87
C ARG C 83 6.63 -4.51 -24.53
N THR C 84 5.73 -5.37 -24.98
CA THR C 84 4.55 -4.87 -25.68
C THR C 84 3.30 -4.93 -24.84
N ASP C 85 3.33 -5.71 -23.76
CA ASP C 85 2.17 -5.79 -22.91
C ASP C 85 2.22 -4.62 -21.91
N ARG C 86 1.11 -3.90 -21.83
CA ARG C 86 1.04 -2.63 -21.07
C ARG C 86 1.27 -2.97 -19.61
N ALA C 87 0.63 -4.07 -19.21
CA ALA C 87 0.65 -4.52 -17.82
C ALA C 87 2.04 -4.94 -17.35
N LEU C 88 2.64 -5.83 -18.14
CA LEU C 88 3.97 -6.33 -17.87
C LEU C 88 4.98 -5.20 -17.84
N ARG C 89 4.74 -4.18 -18.64
CA ARG C 89 5.69 -3.11 -18.70
C ARG C 89 5.71 -2.27 -17.45
N ARG C 90 4.62 -2.32 -16.67
CA ARG C 90 4.62 -1.64 -15.40
C ARG C 90 5.45 -2.38 -14.34
N LEU C 91 5.90 -3.61 -14.61
CA LEU C 91 6.76 -4.35 -13.67
C LEU C 91 8.28 -4.07 -13.82
N GLU C 92 8.99 -3.99 -12.70
CA GLU C 92 10.43 -3.97 -12.69
C GLU C 92 10.90 -5.32 -12.21
N ALA C 93 11.72 -5.95 -13.04
CA ALA C 93 12.47 -7.14 -12.65
C ALA C 93 13.58 -7.40 -13.63
N SER C 94 14.49 -8.25 -13.22
CA SER C 94 15.42 -8.87 -14.14
C SER C 94 15.47 -10.33 -13.76
N LEU C 95 15.71 -11.18 -14.74
CA LEU C 95 15.77 -12.63 -14.56
C LEU C 95 17.04 -13.19 -15.12
N ILE C 96 17.52 -14.26 -14.51
CA ILE C 96 18.50 -15.12 -15.13
C ILE C 96 17.88 -16.49 -15.17
N VAL C 97 17.99 -17.10 -16.34
CA VAL C 97 17.44 -18.40 -16.61
C VAL C 97 18.60 -19.31 -16.93
N CYS C 98 18.67 -20.44 -16.25
CA CYS C 98 19.79 -21.39 -16.33
C CYS C 98 19.36 -22.80 -16.65
N SER C 99 19.99 -23.43 -17.63
CA SER C 99 19.84 -24.89 -17.85
C SER C 99 21.22 -25.51 -17.80
N ALA C 100 21.32 -26.83 -17.89
CA ALA C 100 22.64 -27.47 -18.05
C ALA C 100 23.39 -26.79 -19.20
N GLU C 101 22.68 -26.61 -20.33
CA GLU C 101 23.29 -26.08 -21.55
C GLU C 101 23.42 -24.54 -21.70
N GLU C 102 22.32 -23.81 -21.55
CA GLU C 102 22.29 -22.34 -21.83
C GLU C 102 22.08 -21.48 -20.55
N THR C 103 22.48 -20.21 -20.58
CA THR C 103 22.14 -19.26 -19.53
C THR C 103 21.73 -17.94 -20.15
N LEU C 104 20.58 -17.40 -19.76
CA LEU C 104 20.13 -16.12 -20.29
C LEU C 104 19.69 -15.12 -19.21
N GLU C 105 20.00 -13.85 -19.50
CA GLU C 105 19.66 -12.73 -18.67
C GLU C 105 18.60 -12.01 -19.46
N ILE C 106 17.45 -11.74 -18.82
CA ILE C 106 16.42 -10.94 -19.43
C ILE C 106 16.00 -9.79 -18.51
N ASP C 107 15.91 -8.58 -19.06
CA ASP C 107 15.50 -7.40 -18.30
C ASP C 107 14.31 -6.72 -18.93
N GLY C 108 13.90 -5.64 -18.27
CA GLY C 108 12.68 -4.94 -18.64
C GLY C 108 12.95 -3.92 -19.70
N GLN C 109 14.21 -3.74 -20.10
CA GLN C 109 14.53 -2.92 -21.29
C GLN C 109 14.36 -3.77 -22.54
N GLY C 110 14.17 -5.06 -22.36
CA GLY C 110 14.04 -5.97 -23.47
C GLY C 110 15.36 -6.56 -23.97
N ASN C 111 16.41 -6.48 -23.18
CA ASN C 111 17.66 -7.13 -23.58
C ASN C 111 17.59 -8.59 -23.25
N VAL C 112 18.19 -9.38 -24.10
CA VAL C 112 18.31 -10.81 -23.85
C VAL C 112 19.79 -11.13 -24.09
N ILE C 113 20.47 -11.46 -23.01
CA ILE C 113 21.89 -11.50 -22.97
C ILE C 113 22.32 -12.88 -22.60
N THR C 114 23.20 -13.42 -23.40
CA THR C 114 23.89 -14.64 -23.09
C THR C 114 25.31 -14.29 -22.70
N PRO C 115 25.97 -15.19 -21.94
CA PRO C 115 27.34 -14.96 -21.52
C PRO C 115 28.27 -14.86 -22.67
N GLU C 116 29.41 -14.23 -22.41
CA GLU C 116 30.55 -14.36 -23.31
C GLU C 116 31.11 -15.77 -23.11
N ALA C 117 32.25 -16.09 -23.70
CA ALA C 117 32.83 -17.42 -23.56
C ALA C 117 33.05 -17.82 -22.09
N ASP C 118 33.20 -16.85 -21.20
CA ASP C 118 33.56 -17.15 -19.81
C ASP C 118 32.43 -17.73 -18.98
N GLY C 119 31.22 -17.73 -19.54
CA GLY C 119 30.09 -18.39 -18.90
C GLY C 119 29.49 -17.66 -17.74
N ILE C 120 29.79 -16.39 -17.65
CA ILE C 120 29.32 -15.56 -16.54
C ILE C 120 28.19 -14.56 -16.87
N VAL C 121 27.17 -14.58 -16.04
CA VAL C 121 25.99 -13.74 -16.19
C VAL C 121 25.62 -13.26 -14.79
N ALA C 122 25.22 -12.00 -14.66
CA ALA C 122 24.70 -11.50 -13.37
C ALA C 122 23.79 -10.28 -13.47
N ILE C 123 22.85 -10.21 -12.53
CA ILE C 123 21.91 -9.11 -12.45
C ILE C 123 21.81 -8.62 -11.03
N GLY C 124 21.14 -7.49 -10.87
CA GLY C 124 20.95 -6.86 -9.59
C GLY C 124 21.89 -5.73 -9.34
N SER C 125 21.59 -4.95 -8.34
CA SER C 125 22.47 -3.86 -7.94
C SER C 125 23.90 -4.38 -7.74
N GLY C 126 24.03 -5.63 -7.31
CA GLY C 126 25.37 -6.17 -7.05
C GLY C 126 25.97 -6.92 -8.21
N GLY C 127 25.17 -7.12 -9.24
CA GLY C 127 25.53 -8.07 -10.28
C GLY C 127 26.86 -7.78 -10.97
N THR C 128 27.11 -6.51 -11.30
CA THR C 128 28.29 -6.18 -12.06
C THR C 128 29.55 -6.41 -11.23
N PHE C 129 29.45 -6.16 -9.93
CA PHE C 129 30.59 -6.42 -9.07
C PHE C 129 30.87 -7.89 -9.08
N ALA C 130 29.82 -8.69 -9.05
CA ALA C 130 30.00 -10.11 -9.01
C ALA C 130 30.62 -10.55 -10.32
N LYS C 131 30.16 -9.98 -11.40
CA LYS C 131 30.68 -10.43 -12.69
C LYS C 131 32.18 -10.17 -12.74
N ALA C 132 32.56 -9.03 -12.20
CA ALA C 132 33.95 -8.63 -12.28
C ALA C 132 34.81 -9.59 -11.50
N ALA C 133 34.29 -9.94 -10.34
CA ALA C 133 35.05 -10.79 -9.46
C ALA C 133 35.20 -12.19 -10.07
N ALA C 134 34.09 -12.72 -10.57
CA ALA C 134 34.08 -14.01 -11.19
C ALA C 134 35.05 -14.05 -12.34
N ARG C 135 35.03 -13.02 -13.17
CA ARG C 135 35.91 -13.02 -14.32
C ARG C 135 37.38 -13.08 -13.95
N ALA C 136 37.68 -12.57 -12.76
CA ALA C 136 39.04 -12.56 -12.32
C ALA C 136 39.46 -13.97 -12.04
N LEU C 137 38.52 -14.81 -11.67
CA LEU C 137 38.85 -16.18 -11.27
C LEU C 137 38.58 -17.25 -12.29
N ILE C 138 38.01 -16.90 -13.41
CA ILE C 138 37.39 -17.92 -14.26
C ILE C 138 38.43 -18.88 -14.85
N ASP C 139 39.61 -18.36 -15.08
CA ASP C 139 40.65 -19.11 -15.78
C ASP C 139 41.70 -19.53 -14.78
N VAL C 140 41.38 -19.57 -13.49
CA VAL C 140 42.43 -19.96 -12.55
C VAL C 140 42.25 -21.34 -11.98
N ASP C 141 43.35 -22.09 -12.07
CA ASP C 141 43.40 -23.49 -11.75
C ASP C 141 43.09 -23.70 -10.29
N GLY C 142 42.16 -24.59 -10.04
CA GLY C 142 41.71 -24.89 -8.68
C GLY C 142 40.36 -24.29 -8.38
N TYR C 143 39.94 -23.33 -9.15
CA TYR C 143 38.66 -22.71 -8.92
C TYR C 143 37.61 -23.36 -9.85
N ASP C 144 36.79 -24.24 -9.30
CA ASP C 144 35.58 -24.68 -10.01
C ASP C 144 34.49 -23.60 -9.91
N ALA C 145 33.40 -23.84 -10.62
CA ALA C 145 32.28 -22.93 -10.72
C ALA C 145 31.73 -22.47 -9.39
N GLU C 146 31.52 -23.40 -8.47
CA GLU C 146 30.95 -23.05 -7.19
C GLU C 146 31.90 -22.15 -6.43
N LYS C 147 33.17 -22.54 -6.36
CA LYS C 147 34.13 -21.78 -5.57
C LYS C 147 34.27 -20.35 -6.09
N ILE C 148 34.27 -20.21 -7.40
CA ILE C 148 34.30 -18.91 -8.01
C ILE C 148 33.10 -18.12 -7.58
N ALA C 149 31.95 -18.75 -7.70
CA ALA C 149 30.70 -18.06 -7.44
C ALA C 149 30.58 -17.57 -6.01
N ARG C 150 31.03 -18.40 -5.08
CA ARG C 150 30.94 -18.04 -3.69
C ARG C 150 31.87 -16.86 -3.38
N LYS C 151 33.10 -16.91 -3.91
CA LYS C 151 34.02 -15.85 -3.60
C LYS C 151 33.55 -14.53 -4.19
N ALA C 152 33.07 -14.59 -5.42
CA ALA C 152 32.51 -13.42 -6.03
C ALA C 152 31.28 -12.88 -5.28
N MET C 153 30.41 -13.75 -4.80
CA MET C 153 29.26 -13.23 -4.08
C MET C 153 29.71 -12.50 -2.81
N ARG C 154 30.69 -13.06 -2.12
CA ARG C 154 31.18 -12.47 -0.90
C ARG C 154 31.56 -11.05 -1.24
N ILE C 155 32.34 -10.94 -2.31
CA ILE C 155 32.96 -9.67 -2.66
C ILE C 155 31.89 -8.69 -3.06
N ALA C 156 31.00 -9.13 -3.94
CA ALA C 156 29.93 -8.27 -4.44
C ALA C 156 28.96 -7.84 -3.37
N THR C 157 28.55 -8.78 -2.54
CA THR C 157 27.56 -8.46 -1.52
C THR C 157 28.16 -7.64 -0.41
N ASP C 158 29.47 -7.78 -0.21
CA ASP C 158 30.14 -6.90 0.76
C ASP C 158 30.14 -5.48 0.28
N ILE C 159 30.14 -5.31 -1.04
CA ILE C 159 30.14 -4.01 -1.60
C ILE C 159 28.75 -3.39 -1.72
N ASP C 160 27.81 -4.19 -2.14
CA ASP C 160 26.49 -3.72 -2.43
C ASP C 160 25.69 -3.61 -1.12
N VAL C 161 25.32 -2.40 -0.77
CA VAL C 161 24.56 -2.22 0.43
C VAL C 161 23.18 -2.88 0.24
N PHE C 162 22.77 -3.17 -0.99
CA PHE C 162 21.46 -3.76 -1.18
C PHE C 162 21.46 -5.28 -1.32
N SER C 163 22.57 -5.91 -1.02
CA SER C 163 22.66 -7.35 -1.02
C SER C 163 23.32 -7.78 0.29
N ASN C 164 22.92 -8.95 0.78
CA ASN C 164 23.50 -9.53 1.99
C ASN C 164 24.34 -10.79 1.78
N GLU C 165 24.82 -11.35 2.88
CA GLU C 165 25.77 -12.46 2.87
C GLU C 165 25.12 -13.82 2.90
N HIS C 166 23.80 -13.89 2.79
CA HIS C 166 23.10 -15.17 2.92
C HIS C 166 22.64 -15.52 1.53
N TRP C 167 23.06 -16.67 1.06
CA TRP C 167 22.88 -17.00 -0.35
C TRP C 167 22.10 -18.30 -0.53
N ASP C 168 21.33 -18.40 -1.59
CA ASP C 168 20.76 -19.66 -2.05
C ASP C 168 21.63 -20.13 -3.22
N VAL C 169 21.77 -21.44 -3.35
CA VAL C 169 22.67 -22.02 -4.34
C VAL C 169 21.98 -23.12 -5.16
N GLU C 170 22.03 -23.02 -6.48
CA GLU C 170 21.63 -24.13 -7.34
C GLU C 170 22.75 -24.51 -8.24
N VAL C 171 22.80 -25.79 -8.54
CA VAL C 171 23.88 -26.37 -9.32
C VAL C 171 23.33 -27.31 -10.38
N LEU C 172 23.90 -27.32 -11.61
CA LEU C 172 23.45 -28.22 -12.71
C LEU C 172 24.59 -28.83 -13.57
N GLU C 173 24.35 -30.02 -14.21
CA GLU C 173 25.34 -30.74 -15.09
#